data_4HAA
#
_entry.id   4HAA
#
_cell.length_a   50.360
_cell.length_b   50.360
_cell.length_c   196.120
_cell.angle_alpha   90.00
_cell.angle_beta   90.00
_cell.angle_gamma   90.00
#
_symmetry.space_group_name_H-M   'P 43'
#
loop_
_entity.id
_entity.type
_entity.pdbx_description
1 polymer Ribonuclease
2 water water
#
_entity_poly.entity_id   1
_entity_poly.type   'polypeptide(L)'
_entity_poly.pdbx_seq_one_letter_code
;AVINTFDGVADYLIRYKRLPDNYITKSQASALGWVASKGNLAAVAPGKSIGGDVFSNREGRLPSASGRTWREADINYVSG
ARNADRLVYSSDWLIYKTTDHYATFTRIR
;
_entity_poly.pdbx_strand_id   A,B,C,D
#
# COMPACT_ATOMS: atom_id res chain seq x y z
N ALA A 1 -2.95 8.66 29.04
CA ALA A 1 -3.28 9.15 30.40
C ALA A 1 -4.59 8.45 30.78
N VAL A 2 -4.94 8.53 32.05
CA VAL A 2 -6.18 7.93 32.52
C VAL A 2 -6.95 8.99 33.28
N ILE A 3 -8.27 8.88 33.33
CA ILE A 3 -9.03 9.69 34.24
C ILE A 3 -9.27 8.88 35.53
N ASN A 4 -8.71 9.34 36.65
CA ASN A 4 -8.81 8.53 37.88
C ASN A 4 -8.66 9.41 39.10
N THR A 5 -8.90 10.70 38.89
CA THR A 5 -8.89 11.64 40.01
C THR A 5 -10.33 11.80 40.51
N PHE A 6 -10.50 12.31 41.77
CA PHE A 6 -11.84 12.52 42.30
C PHE A 6 -12.68 13.41 41.37
N ASP A 7 -12.10 14.56 40.99
CA ASP A 7 -12.78 15.55 40.20
C ASP A 7 -12.93 15.09 38.74
N GLY A 8 -11.84 14.60 38.11
CA GLY A 8 -11.89 13.97 36.74
C GLY A 8 -12.98 12.91 36.56
N VAL A 9 -12.96 11.91 37.44
CA VAL A 9 -13.99 10.90 37.50
C VAL A 9 -15.36 11.43 37.83
N ALA A 10 -15.49 12.37 38.79
CA ALA A 10 -16.81 12.85 39.11
C ALA A 10 -17.47 13.55 37.91
N ASP A 11 -16.68 14.40 37.25
CA ASP A 11 -17.17 15.13 36.11
C ASP A 11 -17.46 14.19 34.95
N TYR A 12 -16.70 13.11 34.81
CA TYR A 12 -17.01 12.09 33.79
C TYR A 12 -18.37 11.38 34.07
N LEU A 13 -18.57 10.96 35.31
CA LEU A 13 -19.84 10.42 35.77
C LEU A 13 -21.04 11.29 35.46
N ILE A 14 -20.98 12.55 35.81
CA ILE A 14 -22.19 13.38 35.67
C ILE A 14 -22.39 13.76 34.24
N ARG A 15 -21.33 13.76 33.44
CA ARG A 15 -21.50 14.19 32.04
C ARG A 15 -21.94 13.04 31.14
N TYR A 16 -21.35 11.87 31.36
CA TYR A 16 -21.62 10.67 30.55
C TYR A 16 -22.43 9.58 31.24
N LYS A 17 -22.69 9.76 32.56
CA LYS A 17 -23.53 8.79 33.29
C LYS A 17 -23.00 7.37 33.26
N ARG A 18 -21.67 7.27 33.29
CA ARG A 18 -20.90 6.02 33.36
C ARG A 18 -19.45 6.31 33.77
N LEU A 19 -18.79 5.28 34.26
CA LEU A 19 -17.39 5.40 34.58
C LEU A 19 -16.51 5.47 33.29
N PRO A 20 -15.41 6.20 33.39
CA PRO A 20 -14.42 6.19 32.27
C PRO A 20 -13.98 4.78 31.89
N ASP A 21 -13.40 4.64 30.70
CA ASP A 21 -13.09 3.33 30.13
C ASP A 21 -12.00 2.59 30.92
N ASN A 22 -11.33 3.25 31.86
CA ASN A 22 -10.28 2.58 32.64
C ASN A 22 -10.80 1.81 33.87
N TYR A 23 -12.12 1.80 34.06
CA TYR A 23 -12.78 1.12 35.18
C TYR A 23 -13.34 -0.23 34.79
N ILE A 24 -13.15 -1.20 35.67
CA ILE A 24 -13.79 -2.47 35.52
C ILE A 24 -14.21 -2.92 36.90
N THR A 25 -15.32 -3.65 36.93
CA THR A 25 -15.93 -4.10 38.18
C THR A 25 -15.10 -5.15 38.80
N LYS A 26 -15.37 -5.45 40.08
CA LYS A 26 -14.68 -6.52 40.79
C LYS A 26 -14.94 -7.88 40.11
N SER A 27 -16.17 -8.06 39.63
CA SER A 27 -16.52 -9.31 38.93
C SER A 27 -15.70 -9.49 37.64
N GLN A 28 -15.60 -8.41 36.86
CA GLN A 28 -14.87 -8.46 35.57
C GLN A 28 -13.37 -8.64 35.77
N ALA A 29 -12.80 -7.91 36.75
CA ALA A 29 -11.42 -8.18 37.19
C ALA A 29 -11.21 -9.62 37.60
N SER A 30 -12.14 -10.17 38.39
CA SER A 30 -11.97 -11.55 38.86
C SER A 30 -11.92 -12.50 37.64
N ALA A 31 -12.80 -12.22 36.69
CA ALA A 31 -12.87 -12.98 35.45
C ALA A 31 -11.53 -13.04 34.71
N LEU A 32 -10.57 -12.20 35.10
CA LEU A 32 -9.25 -12.11 34.46
C LEU A 32 -8.09 -12.57 35.34
N GLY A 33 -8.41 -13.12 36.51
CA GLY A 33 -7.40 -13.66 37.41
C GLY A 33 -7.00 -12.69 38.53
N TRP A 34 -7.74 -11.60 38.69
CA TRP A 34 -7.45 -10.70 39.80
C TRP A 34 -7.81 -11.44 41.05
N VAL A 35 -6.90 -11.37 42.01
CA VAL A 35 -7.16 -11.86 43.35
C VAL A 35 -6.64 -10.80 44.32
N ALA A 36 -7.52 -10.34 45.20
CA ALA A 36 -7.20 -9.29 46.15
C ALA A 36 -5.91 -9.53 46.96
N SER A 37 -5.82 -10.66 47.67
CA SER A 37 -4.57 -11.00 48.40
C SER A 37 -3.33 -10.96 47.51
N LYS A 38 -3.53 -11.18 46.23
CA LYS A 38 -2.40 -11.22 45.34
C LYS A 38 -1.86 -9.84 44.95
N GLY A 39 -2.71 -8.83 45.01
CA GLY A 39 -2.35 -7.43 44.68
C GLY A 39 -2.06 -7.24 43.20
N ASN A 40 -2.69 -8.07 42.38
CA ASN A 40 -2.31 -8.20 40.98
C ASN A 40 -3.18 -7.52 39.95
N LEU A 41 -4.00 -6.55 40.36
CA LEU A 41 -4.85 -5.89 39.37
C LEU A 41 -4.10 -5.45 38.09
N ALA A 42 -3.01 -4.69 38.24
CA ALA A 42 -2.23 -4.22 37.07
C ALA A 42 -1.57 -5.36 36.31
N ALA A 43 -1.34 -6.50 36.98
CA ALA A 43 -0.73 -7.63 36.30
C ALA A 43 -1.76 -8.30 35.41
N VAL A 44 -3.00 -8.46 35.88
CA VAL A 44 -4.04 -9.05 35.00
C VAL A 44 -4.87 -8.10 34.16
N ALA A 45 -4.92 -6.84 34.55
CA ALA A 45 -5.78 -5.89 33.83
C ALA A 45 -4.98 -4.58 33.83
N PRO A 46 -3.91 -4.55 33.01
CA PRO A 46 -3.05 -3.37 32.95
C PRO A 46 -3.83 -2.11 32.67
N GLY A 47 -3.50 -1.06 33.40
CA GLY A 47 -4.16 0.24 33.23
C GLY A 47 -5.51 0.41 33.91
N LYS A 48 -6.01 -0.64 34.55
CA LYS A 48 -7.39 -0.59 34.99
C LYS A 48 -7.52 -0.24 36.50
N SER A 49 -8.72 0.22 36.86
CA SER A 49 -9.05 0.56 38.25
C SER A 49 -10.36 -0.06 38.50
N ILE A 50 -10.61 -0.45 39.76
CA ILE A 50 -11.87 -1.06 40.09
C ILE A 50 -12.90 0.02 40.28
N GLY A 51 -14.02 -0.18 39.62
CA GLY A 51 -15.17 0.62 39.96
C GLY A 51 -16.43 0.12 39.35
N GLY A 52 -17.53 0.65 39.89
CA GLY A 52 -18.84 0.27 39.45
C GLY A 52 -19.50 -0.71 40.42
N ASP A 53 -18.73 -1.26 41.37
CA ASP A 53 -19.31 -2.21 42.32
C ASP A 53 -20.38 -1.48 43.17
N VAL A 54 -21.44 -2.19 43.53
CA VAL A 54 -22.45 -1.67 44.47
C VAL A 54 -21.78 -1.32 45.80
N PHE A 55 -22.15 -0.17 46.33
CA PHE A 55 -21.80 0.26 47.71
C PHE A 55 -23.13 0.27 48.54
N SER A 56 -23.24 -0.58 49.57
CA SER A 56 -24.59 -0.80 50.14
C SER A 56 -25.08 0.30 51.09
N ASN A 57 -24.17 1.21 51.49
CA ASN A 57 -24.44 2.33 52.43
C ASN A 57 -25.12 1.81 53.75
N ARG A 58 -24.53 0.73 54.28
CA ARG A 58 -25.10 -0.11 55.37
C ARG A 58 -25.45 0.72 56.58
N GLU A 59 -24.52 1.57 56.97
CA GLU A 59 -24.66 2.40 58.19
C GLU A 59 -25.38 3.74 57.96
N GLY A 60 -25.87 3.96 56.74
CA GLY A 60 -26.45 5.26 56.31
C GLY A 60 -25.60 6.51 56.46
N ARG A 61 -24.30 6.40 56.21
CA ARG A 61 -23.53 7.62 56.29
C ARG A 61 -23.98 8.53 55.14
N LEU A 62 -24.45 7.91 54.06
CA LEU A 62 -24.95 8.66 52.89
C LEU A 62 -26.46 8.71 52.90
N PRO A 63 -27.05 9.74 52.28
CA PRO A 63 -28.50 9.83 52.14
C PRO A 63 -29.15 8.80 51.24
N SER A 64 -30.34 8.35 51.66
CA SER A 64 -31.22 7.33 51.01
C SER A 64 -32.43 7.94 50.32
N ALA A 65 -33.04 7.19 49.40
CA ALA A 65 -34.26 7.62 48.73
C ALA A 65 -34.84 6.38 48.09
N SER A 66 -36.09 6.42 47.63
CA SER A 66 -36.57 5.20 46.97
C SER A 66 -36.06 5.22 45.53
N GLY A 67 -35.61 4.08 45.05
CA GLY A 67 -34.95 3.99 43.73
C GLY A 67 -33.49 4.41 43.72
N ARG A 68 -33.03 5.13 44.74
CA ARG A 68 -31.59 5.46 44.81
C ARG A 68 -30.76 4.29 45.27
N THR A 69 -29.81 3.85 44.44
CA THR A 69 -28.76 2.98 44.92
C THR A 69 -27.39 3.63 44.69
N TRP A 70 -26.36 3.09 45.35
CA TRP A 70 -25.03 3.70 45.34
C TRP A 70 -23.99 2.74 44.83
N ARG A 71 -23.00 3.31 44.19
CA ARG A 71 -21.88 2.57 43.61
C ARG A 71 -20.52 3.20 43.95
N GLU A 72 -19.43 2.42 43.90
CA GLU A 72 -18.08 2.93 44.14
C GLU A 72 -17.20 2.89 42.93
N ALA A 73 -16.28 3.86 42.89
CA ALA A 73 -15.12 3.79 42.01
C ALA A 73 -13.85 4.09 42.77
N ASP A 74 -12.82 3.27 42.55
CA ASP A 74 -11.45 3.56 43.04
C ASP A 74 -10.71 4.76 42.43
N ILE A 75 -10.17 5.59 43.32
CA ILE A 75 -9.57 6.91 42.94
C ILE A 75 -8.04 6.92 43.17
N ASN A 76 -7.26 7.49 42.23
CA ASN A 76 -5.78 7.51 42.38
C ASN A 76 -5.10 6.10 42.37
N TYR A 77 -5.73 5.08 41.76
CA TYR A 77 -5.12 3.76 41.69
C TYR A 77 -4.19 3.62 40.49
N VAL A 78 -3.07 2.96 40.71
CA VAL A 78 -2.10 2.64 39.63
C VAL A 78 -1.69 1.17 39.64
N SER A 79 -1.22 0.62 40.78
CA SER A 79 -0.78 -0.77 40.76
C SER A 79 -0.84 -1.33 42.16
N GLY A 80 -0.65 -2.64 42.29
CA GLY A 80 -0.52 -3.29 43.61
C GLY A 80 -1.84 -3.27 44.37
N ALA A 81 -1.77 -3.41 45.71
CA ALA A 81 -2.98 -3.39 46.53
C ALA A 81 -3.81 -2.11 46.32
N ARG A 82 -5.11 -2.17 46.57
CA ARG A 82 -6.02 -1.05 46.39
C ARG A 82 -5.91 -0.07 47.57
N ASN A 83 -6.35 1.17 47.38
CA ASN A 83 -6.08 2.25 48.35
C ASN A 83 -7.34 2.64 49.09
N ALA A 84 -7.37 3.83 49.70
CA ALA A 84 -8.48 4.22 50.56
C ALA A 84 -9.35 5.29 49.85
N ASP A 85 -9.00 5.65 48.61
CA ASP A 85 -9.72 6.67 47.86
C ASP A 85 -10.83 6.13 47.00
N ARG A 86 -12.05 6.54 47.31
CA ARG A 86 -13.21 6.10 46.57
C ARG A 86 -14.07 7.31 46.22
N LEU A 87 -14.69 7.27 45.05
CA LEU A 87 -15.93 7.99 44.86
C LEU A 87 -17.08 7.05 45.14
N VAL A 88 -18.10 7.57 45.79
CA VAL A 88 -19.41 6.91 45.83
C VAL A 88 -20.43 7.78 45.15
N TYR A 89 -21.02 7.24 44.09
CA TYR A 89 -22.03 7.98 43.30
C TYR A 89 -23.37 7.22 43.29
N SER A 90 -24.43 7.98 43.34
CA SER A 90 -25.78 7.44 43.45
C SER A 90 -26.40 7.39 42.07
N SER A 91 -27.47 6.62 41.95
CA SER A 91 -28.11 6.45 40.65
C SER A 91 -28.78 7.73 40.16
N ASP A 92 -28.97 8.72 41.05
CA ASP A 92 -29.46 10.04 40.65
C ASP A 92 -28.35 11.12 40.80
N TRP A 93 -27.09 10.69 40.73
CA TRP A 93 -25.92 11.58 40.50
C TRP A 93 -25.45 12.44 41.66
N LEU A 94 -25.79 12.01 42.86
CA LEU A 94 -25.04 12.47 44.05
C LEU A 94 -23.64 11.86 44.03
N ILE A 95 -22.62 12.66 44.31
CA ILE A 95 -21.27 12.17 44.33
C ILE A 95 -20.52 12.58 45.60
N TYR A 96 -20.08 11.57 46.35
CA TYR A 96 -19.33 11.82 47.56
C TYR A 96 -17.98 11.16 47.38
N LYS A 97 -16.92 11.83 47.86
CA LYS A 97 -15.59 11.26 47.93
C LYS A 97 -15.31 10.88 49.37
N THR A 98 -14.50 9.85 49.52
CA THR A 98 -13.92 9.48 50.82
C THR A 98 -12.43 9.23 50.54
N THR A 99 -11.56 9.59 51.53
CA THR A 99 -10.11 9.38 51.46
C THR A 99 -9.69 8.34 52.54
N ASP A 100 -10.68 7.78 53.18
CA ASP A 100 -10.42 6.85 54.25
C ASP A 100 -11.33 5.62 54.16
N HIS A 101 -11.49 5.10 52.94
CA HIS A 101 -12.21 3.87 52.71
C HIS A 101 -13.55 3.88 53.43
N TYR A 102 -14.40 4.84 53.06
CA TYR A 102 -15.80 4.94 53.52
C TYR A 102 -16.09 5.34 54.97
N ALA A 103 -15.05 5.58 55.75
CA ALA A 103 -15.23 6.08 57.15
C ALA A 103 -15.88 7.45 57.20
N THR A 104 -15.44 8.35 56.31
CA THR A 104 -16.07 9.64 56.25
C THR A 104 -16.10 10.06 54.78
N PHE A 105 -17.08 10.85 54.45
CA PHE A 105 -17.37 11.24 53.08
C PHE A 105 -17.55 12.78 53.02
N THR A 106 -17.17 13.34 51.88
CA THR A 106 -17.59 14.70 51.58
C THR A 106 -18.35 14.75 50.24
N ARG A 107 -19.53 15.36 50.21
CA ARG A 107 -20.30 15.48 48.95
C ARG A 107 -19.54 16.40 48.00
N ILE A 108 -19.39 16.02 46.75
CA ILE A 108 -18.71 16.88 45.76
C ILE A 108 -19.59 17.16 44.52
N ARG A 109 -20.56 16.31 44.23
CA ARG A 109 -21.55 16.67 43.13
C ARG A 109 -22.94 16.42 43.68
N ALA B 1 -19.77 1.45 24.63
CA ALA B 1 -19.93 2.91 24.81
C ALA B 1 -18.69 3.62 24.37
N VAL B 2 -18.84 4.54 23.42
CA VAL B 2 -17.74 5.35 22.97
C VAL B 2 -18.22 6.81 22.93
N ILE B 3 -17.37 7.77 23.27
CA ILE B 3 -17.67 9.18 23.09
C ILE B 3 -17.21 9.55 21.70
N ASN B 4 -18.17 9.70 20.78
CA ASN B 4 -17.78 10.05 19.39
C ASN B 4 -18.73 11.07 18.74
N THR B 5 -19.57 11.70 19.57
CA THR B 5 -20.52 12.73 19.10
C THR B 5 -19.89 14.11 19.15
N PHE B 6 -20.42 15.06 18.33
CA PHE B 6 -19.99 16.47 18.44
C PHE B 6 -20.02 16.97 19.89
N ASP B 7 -21.20 16.87 20.52
CA ASP B 7 -21.38 17.37 21.89
C ASP B 7 -20.43 16.67 22.86
N GLY B 8 -20.41 15.33 22.81
CA GLY B 8 -19.60 14.50 23.76
C GLY B 8 -18.14 14.82 23.64
N VAL B 9 -17.68 14.82 22.40
CA VAL B 9 -16.25 14.99 22.21
C VAL B 9 -15.83 16.38 22.59
N ALA B 10 -16.63 17.40 22.20
CA ALA B 10 -16.28 18.76 22.51
C ALA B 10 -16.11 18.96 23.99
N ASP B 11 -17.03 18.39 24.76
CA ASP B 11 -16.99 18.54 26.19
C ASP B 11 -15.81 17.79 26.79
N TYR B 12 -15.58 16.55 26.34
CA TYR B 12 -14.40 15.83 26.79
C TYR B 12 -13.16 16.69 26.55
N LEU B 13 -13.02 17.24 25.33
CA LEU B 13 -11.90 18.13 25.05
C LEU B 13 -11.71 19.31 25.99
N ILE B 14 -12.76 20.09 26.21
CA ILE B 14 -12.56 21.35 27.00
C ILE B 14 -12.30 20.93 28.46
N ARG B 15 -12.85 19.79 28.88
CA ARG B 15 -12.63 19.37 30.32
C ARG B 15 -11.23 18.74 30.53
N TYR B 16 -10.80 17.88 29.61
CA TYR B 16 -9.59 17.05 29.75
C TYR B 16 -8.42 17.53 28.91
N LYS B 17 -8.70 18.48 27.99
CA LYS B 17 -7.64 19.00 27.10
C LYS B 17 -6.86 17.89 26.38
N ARG B 18 -7.60 16.88 25.97
CA ARG B 18 -7.15 15.84 25.06
C ARG B 18 -8.39 15.15 24.52
N LEU B 19 -8.23 14.44 23.42
CA LEU B 19 -9.25 13.59 22.92
C LEU B 19 -9.44 12.34 23.80
N PRO B 20 -10.64 11.74 23.74
CA PRO B 20 -10.82 10.45 24.43
C PRO B 20 -10.03 9.28 23.89
N ASP B 21 -10.05 8.24 24.74
CA ASP B 21 -9.55 6.87 24.58
C ASP B 21 -9.60 6.27 23.25
N ASN B 22 -10.74 6.50 22.58
CA ASN B 22 -11.04 5.85 21.32
C ASN B 22 -10.45 6.55 20.11
N TYR B 23 -9.69 7.62 20.31
CA TYR B 23 -9.06 8.34 19.21
C TYR B 23 -7.60 7.95 19.00
N ILE B 24 -7.22 7.84 17.74
CA ILE B 24 -5.81 7.59 17.34
C ILE B 24 -5.52 8.53 16.19
N THR B 25 -4.25 8.89 16.05
CA THR B 25 -3.85 9.81 14.97
C THR B 25 -3.69 8.98 13.73
N LYS B 26 -3.74 9.65 12.57
CA LYS B 26 -3.54 9.00 11.29
C LYS B 26 -2.23 8.17 11.27
N SER B 27 -1.13 8.79 11.65
CA SER B 27 0.18 8.06 11.69
C SER B 27 0.20 6.86 12.64
N GLN B 28 -0.41 7.03 13.81
CA GLN B 28 -0.58 5.89 14.72
C GLN B 28 -1.38 4.81 13.98
N ALA B 29 -2.46 5.19 13.24
CA ALA B 29 -3.30 4.26 12.49
C ALA B 29 -2.53 3.57 11.38
N SER B 30 -1.82 4.33 10.55
CA SER B 30 -0.93 3.73 9.55
C SER B 30 -0.03 2.71 10.22
N ALA B 31 0.62 3.14 11.31
CA ALA B 31 1.50 2.28 12.12
C ALA B 31 0.89 0.90 12.46
N LEU B 32 -0.41 0.85 12.74
CA LEU B 32 -1.15 -0.41 12.92
C LEU B 32 -1.53 -1.13 11.62
N GLY B 33 -1.33 -0.47 10.50
CA GLY B 33 -1.69 -1.02 9.20
C GLY B 33 -2.90 -0.38 8.51
N TRP B 34 -3.41 0.74 9.03
CA TRP B 34 -4.51 1.47 8.36
C TRP B 34 -4.07 2.01 7.00
N VAL B 35 -4.84 1.64 5.97
CA VAL B 35 -4.70 2.13 4.60
C VAL B 35 -6.06 2.70 4.16
N ALA B 36 -6.08 3.98 3.83
CA ALA B 36 -7.34 4.64 3.51
C ALA B 36 -8.17 3.96 2.42
N SER B 37 -7.57 3.69 1.27
CA SER B 37 -8.31 3.11 0.16
C SER B 37 -8.90 1.72 0.46
N LYS B 38 -8.42 1.14 1.55
CA LYS B 38 -8.93 -0.12 2.00
C LYS B 38 -10.05 0.09 3.00
N GLY B 39 -10.13 1.28 3.60
CA GLY B 39 -11.20 1.61 4.58
C GLY B 39 -11.21 0.66 5.76
N ASN B 40 -10.03 0.33 6.23
CA ASN B 40 -9.83 -0.82 7.14
C ASN B 40 -9.56 -0.51 8.59
N LEU B 41 -9.97 0.68 8.99
CA LEU B 41 -9.68 1.16 10.34
C LEU B 41 -10.22 0.25 11.42
N ALA B 42 -11.47 -0.15 11.25
CA ALA B 42 -12.15 -1.07 12.18
C ALA B 42 -11.43 -2.41 12.33
N ALA B 43 -10.75 -2.87 11.28
CA ALA B 43 -9.99 -4.12 11.37
C ALA B 43 -8.70 -3.96 12.14
N VAL B 44 -8.00 -2.86 11.89
CA VAL B 44 -6.67 -2.63 12.44
C VAL B 44 -6.68 -1.85 13.75
N ALA B 45 -7.77 -1.15 14.03
CA ALA B 45 -7.88 -0.39 15.30
C ALA B 45 -9.34 -0.44 15.76
N PRO B 46 -9.80 -1.63 16.21
CA PRO B 46 -11.18 -1.86 16.47
C PRO B 46 -11.68 -0.87 17.49
N GLY B 47 -12.77 -0.17 17.19
CA GLY B 47 -13.38 0.82 18.12
C GLY B 47 -12.72 2.19 18.19
N LYS B 48 -11.70 2.43 17.37
CA LYS B 48 -11.00 3.69 17.35
C LYS B 48 -11.53 4.56 16.23
N SER B 49 -11.48 5.88 16.39
CA SER B 49 -11.77 6.81 15.26
C SER B 49 -10.53 7.68 14.99
N ILE B 50 -10.28 8.08 13.74
CA ILE B 50 -9.16 8.96 13.50
C ILE B 50 -9.31 10.28 14.27
N GLY B 51 -8.24 10.74 14.93
CA GLY B 51 -8.29 12.09 15.45
C GLY B 51 -7.03 12.62 16.08
N GLY B 52 -6.97 13.93 16.14
CA GLY B 52 -5.86 14.64 16.72
C GLY B 52 -4.90 15.08 15.60
N ASP B 53 -5.29 14.89 14.34
CA ASP B 53 -4.45 15.26 13.18
C ASP B 53 -4.47 16.80 13.04
N VAL B 54 -3.42 17.37 12.45
CA VAL B 54 -3.35 18.82 12.27
C VAL B 54 -4.41 19.17 11.24
N PHE B 55 -4.96 20.36 11.42
CA PHE B 55 -5.82 21.02 10.43
C PHE B 55 -5.13 22.33 10.08
N SER B 56 -4.69 22.53 8.83
CA SER B 56 -3.94 23.76 8.67
C SER B 56 -4.89 24.95 8.51
N ASN B 57 -6.16 24.69 8.14
CA ASN B 57 -7.11 25.79 8.02
C ASN B 57 -6.67 26.68 6.84
N ARG B 58 -6.04 26.06 5.84
CA ARG B 58 -5.31 26.81 4.80
C ARG B 58 -6.16 27.91 4.15
N GLU B 59 -7.48 27.75 4.15
CA GLU B 59 -8.36 28.79 3.60
C GLU B 59 -8.91 29.78 4.63
N GLY B 60 -8.54 29.61 5.89
CA GLY B 60 -8.77 30.62 6.94
C GLY B 60 -10.20 30.95 7.36
N ARG B 61 -11.11 30.01 7.09
CA ARG B 61 -12.50 30.12 7.44
C ARG B 61 -12.70 30.01 8.93
N LEU B 62 -11.74 29.37 9.61
CA LEU B 62 -11.67 29.41 11.07
C LEU B 62 -10.78 30.56 11.46
N PRO B 63 -11.01 31.11 12.65
CA PRO B 63 -10.36 32.38 13.06
C PRO B 63 -8.91 32.23 13.51
N SER B 64 -7.99 32.99 12.91
CA SER B 64 -6.57 32.96 13.29
C SER B 64 -6.30 33.80 14.51
N ALA B 65 -5.18 33.49 15.15
CA ALA B 65 -4.51 34.30 16.16
C ALA B 65 -3.09 33.77 16.07
N SER B 66 -2.08 34.59 16.31
CA SER B 66 -0.70 34.08 16.30
C SER B 66 -0.49 32.98 17.34
N GLY B 67 0.23 31.92 16.96
CA GLY B 67 0.50 30.81 17.86
C GLY B 67 -0.67 29.84 18.10
N ARG B 68 -1.81 30.10 17.44
CA ARG B 68 -2.96 29.17 17.49
C ARG B 68 -2.78 28.07 16.45
N THR B 69 -3.07 26.83 16.83
CA THR B 69 -3.05 25.72 15.88
C THR B 69 -4.34 24.91 15.94
N TRP B 70 -4.70 24.24 14.84
CA TRP B 70 -5.97 23.50 14.81
C TRP B 70 -5.75 22.03 14.69
N ARG B 71 -6.59 21.24 15.35
CA ARG B 71 -6.66 19.81 15.08
C ARG B 71 -8.07 19.39 14.73
N GLU B 72 -8.20 18.17 14.21
CA GLU B 72 -9.46 17.60 13.80
C GLU B 72 -9.69 16.32 14.55
N ALA B 73 -10.95 15.96 14.69
CA ALA B 73 -11.36 14.64 15.21
C ALA B 73 -12.56 14.15 14.44
N ASP B 74 -12.52 12.88 14.06
CA ASP B 74 -13.63 12.27 13.34
C ASP B 74 -14.73 12.05 14.38
N ILE B 75 -15.92 12.41 13.95
CA ILE B 75 -17.14 12.35 14.76
C ILE B 75 -18.05 11.34 14.10
N ASN B 76 -18.81 10.57 14.91
CA ASN B 76 -19.78 9.58 14.37
C ASN B 76 -19.20 8.44 13.52
N TYR B 77 -17.90 8.17 13.62
CA TYR B 77 -17.29 7.07 12.86
C TYR B 77 -17.51 5.78 13.64
N VAL B 78 -17.93 4.75 12.91
CA VAL B 78 -17.98 3.35 13.41
C VAL B 78 -16.99 2.44 12.70
N SER B 79 -17.10 2.36 11.35
CA SER B 79 -16.25 1.49 10.55
C SER B 79 -16.34 1.88 9.08
N GLY B 80 -15.42 1.38 8.27
CA GLY B 80 -15.51 1.61 6.82
C GLY B 80 -14.76 2.89 6.47
N ALA B 81 -15.11 3.44 5.30
CA ALA B 81 -14.60 4.76 4.91
C ALA B 81 -14.86 5.77 6.01
N ARG B 82 -13.94 6.69 6.22
CA ARG B 82 -14.23 7.84 7.10
C ARG B 82 -15.34 8.71 6.46
N ASN B 83 -16.02 9.51 7.27
CA ASN B 83 -17.27 10.21 6.87
C ASN B 83 -17.10 11.72 6.81
N ALA B 84 -18.20 12.48 6.82
CA ALA B 84 -18.11 13.95 6.64
C ALA B 84 -17.98 14.76 7.92
N ASP B 85 -18.18 14.08 9.06
CA ASP B 85 -18.28 14.76 10.37
C ASP B 85 -16.96 14.98 11.10
N ARG B 86 -16.66 16.24 11.42
CA ARG B 86 -15.44 16.54 12.16
C ARG B 86 -15.64 17.66 13.20
N LEU B 87 -14.94 17.55 14.31
CA LEU B 87 -14.66 18.69 15.12
C LEU B 87 -13.30 19.20 14.69
N VAL B 88 -13.18 20.51 14.67
CA VAL B 88 -11.90 21.18 14.56
C VAL B 88 -11.72 21.99 15.82
N TYR B 89 -10.60 21.78 16.49
CA TYR B 89 -10.43 22.39 17.79
C TYR B 89 -9.01 23.02 17.94
N SER B 90 -8.97 24.19 18.56
CA SER B 90 -7.77 25.00 18.57
C SER B 90 -6.95 24.75 19.85
N SER B 91 -5.72 25.21 19.84
CA SER B 91 -4.83 25.12 21.00
C SER B 91 -5.30 26.04 22.16
N ASP B 92 -6.23 26.97 21.88
CA ASP B 92 -6.83 27.77 22.96
C ASP B 92 -8.31 27.44 23.13
N TRP B 93 -8.68 26.24 22.67
CA TRP B 93 -9.96 25.60 22.99
C TRP B 93 -11.22 26.17 22.38
N LEU B 94 -11.06 26.95 21.32
CA LEU B 94 -12.18 27.10 20.37
C LEU B 94 -12.49 25.73 19.78
N ILE B 95 -13.79 25.42 19.59
CA ILE B 95 -14.25 24.19 18.93
C ILE B 95 -15.34 24.53 17.92
N TYR B 96 -15.17 23.99 16.71
CA TYR B 96 -16.13 24.16 15.63
C TYR B 96 -16.53 22.78 15.17
N LYS B 97 -17.72 22.66 14.62
CA LYS B 97 -18.15 21.40 14.05
C LYS B 97 -18.37 21.65 12.56
N THR B 98 -18.36 20.55 11.83
CA THR B 98 -18.68 20.52 10.39
C THR B 98 -19.34 19.20 10.07
N THR B 99 -20.42 19.24 9.28
CA THR B 99 -21.04 17.99 8.86
C THR B 99 -20.75 17.79 7.40
N ASP B 100 -19.98 18.71 6.82
CA ASP B 100 -19.71 18.66 5.39
C ASP B 100 -18.21 18.61 5.09
N HIS B 101 -17.45 17.88 5.92
CA HIS B 101 -16.03 17.69 5.72
C HIS B 101 -15.28 19.02 5.43
N TYR B 102 -15.48 20.03 6.30
CA TYR B 102 -14.76 21.31 6.31
C TYR B 102 -15.26 22.38 5.33
N ALA B 103 -16.26 22.08 4.53
CA ALA B 103 -16.75 23.11 3.62
C ALA B 103 -17.36 24.27 4.43
N THR B 104 -18.14 23.95 5.48
CA THR B 104 -18.68 24.97 6.37
C THR B 104 -18.54 24.54 7.84
N PHE B 105 -18.46 25.53 8.71
CA PHE B 105 -18.24 25.35 10.16
C PHE B 105 -19.32 26.12 10.98
N THR B 106 -19.58 25.65 12.19
CA THR B 106 -20.35 26.39 13.19
C THR B 106 -19.50 26.33 14.46
N ARG B 107 -19.36 27.43 15.20
CA ARG B 107 -18.65 27.41 16.49
C ARG B 107 -19.53 26.73 17.54
N ILE B 108 -19.02 25.71 18.23
CA ILE B 108 -19.81 25.07 19.32
C ILE B 108 -19.17 25.26 20.72
N ARG B 109 -17.89 25.60 20.78
CA ARG B 109 -17.26 26.05 22.10
C ARG B 109 -16.32 27.21 21.86
N ALA C 1 8.81 -15.39 -20.65
CA ALA C 1 9.57 -14.33 -19.97
C ALA C 1 9.60 -13.12 -20.89
N VAL C 2 9.79 -11.94 -20.32
CA VAL C 2 9.49 -10.69 -21.03
C VAL C 2 10.58 -9.63 -20.80
N ILE C 3 10.90 -8.89 -21.85
CA ILE C 3 11.72 -7.70 -21.61
C ILE C 3 10.91 -6.49 -21.09
N ASN C 4 10.97 -6.26 -19.77
CA ASN C 4 10.19 -5.20 -19.17
C ASN C 4 10.94 -4.41 -18.12
N THR C 5 12.25 -4.65 -17.94
CA THR C 5 12.97 -3.85 -16.97
C THR C 5 13.40 -2.55 -17.61
N PHE C 6 13.68 -1.59 -16.76
CA PHE C 6 14.15 -0.29 -17.18
C PHE C 6 15.33 -0.49 -18.12
N ASP C 7 16.35 -1.21 -17.67
CA ASP C 7 17.59 -1.31 -18.45
C ASP C 7 17.46 -2.32 -19.60
N GLY C 8 16.59 -3.33 -19.44
CA GLY C 8 16.37 -4.38 -20.50
C GLY C 8 15.62 -3.81 -21.71
N VAL C 9 14.58 -3.08 -21.44
CA VAL C 9 13.91 -2.24 -22.47
C VAL C 9 14.82 -1.13 -23.05
N ALA C 10 15.46 -0.33 -22.18
CA ALA C 10 16.38 0.70 -22.70
C ALA C 10 17.46 0.13 -23.60
N ASP C 11 17.96 -1.09 -23.29
CA ASP C 11 18.97 -1.73 -24.13
C ASP C 11 18.42 -2.25 -25.41
N TYR C 12 17.20 -2.81 -25.37
CA TYR C 12 16.52 -3.19 -26.59
C TYR C 12 16.26 -1.99 -27.53
N LEU C 13 15.68 -0.94 -26.98
CA LEU C 13 15.43 0.33 -27.69
C LEU C 13 16.69 0.85 -28.38
N ILE C 14 17.79 0.93 -27.65
CA ILE C 14 19.02 1.52 -28.25
C ILE C 14 19.64 0.52 -29.23
N ARG C 15 19.52 -0.80 -28.99
CA ARG C 15 20.17 -1.77 -29.92
C ARG C 15 19.35 -1.99 -31.19
N TYR C 16 18.02 -1.92 -31.11
CA TYR C 16 17.21 -2.37 -32.25
C TYR C 16 16.33 -1.24 -32.75
N LYS C 17 16.29 -0.17 -31.99
CA LYS C 17 15.62 1.05 -32.44
C LYS C 17 14.13 0.93 -32.59
N ARG C 18 13.49 0.13 -31.70
CA ARG C 18 12.03 -0.05 -31.61
C ARG C 18 11.76 -0.80 -30.30
N LEU C 19 10.52 -0.75 -29.81
CA LEU C 19 10.18 -1.54 -28.60
C LEU C 19 10.09 -3.05 -28.82
N PRO C 20 10.36 -3.82 -27.74
CA PRO C 20 10.30 -5.29 -28.05
C PRO C 20 8.89 -5.82 -28.25
N ASP C 21 8.73 -7.09 -28.68
CA ASP C 21 7.44 -7.58 -29.22
C ASP C 21 6.36 -7.70 -28.12
N ASN C 22 6.75 -7.55 -26.86
CA ASN C 22 5.77 -7.58 -25.77
C ASN C 22 5.00 -6.29 -25.58
N TYR C 23 5.28 -5.28 -26.41
CA TYR C 23 4.68 -4.01 -26.25
C TYR C 23 3.56 -3.76 -27.24
N ILE C 24 2.41 -3.35 -26.71
CA ILE C 24 1.34 -2.85 -27.55
C ILE C 24 0.99 -1.41 -27.17
N THR C 25 0.37 -0.69 -28.11
CA THR C 25 -0.09 0.67 -27.87
C THR C 25 -1.34 0.70 -27.00
N LYS C 26 -1.63 1.88 -26.45
CA LYS C 26 -2.92 2.17 -25.78
C LYS C 26 -4.12 1.82 -26.68
N SER C 27 -4.06 2.28 -27.94
CA SER C 27 -5.05 1.94 -28.96
C SER C 27 -5.29 0.48 -29.16
N GLN C 28 -4.21 -0.31 -29.19
CA GLN C 28 -4.25 -1.73 -29.43
C GLN C 28 -4.77 -2.47 -28.23
N ALA C 29 -4.31 -2.07 -27.03
CA ALA C 29 -4.85 -2.67 -25.82
C ALA C 29 -6.37 -2.38 -25.68
N SER C 30 -6.79 -1.12 -25.88
CA SER C 30 -8.22 -0.75 -25.90
C SER C 30 -8.93 -1.68 -26.85
N ALA C 31 -8.38 -1.82 -28.06
CA ALA C 31 -8.99 -2.65 -29.07
C ALA C 31 -9.18 -4.07 -28.57
N LEU C 32 -8.15 -4.65 -27.94
CA LEU C 32 -8.28 -5.91 -27.18
C LEU C 32 -9.20 -5.88 -25.94
N GLY C 33 -9.75 -4.73 -25.59
CA GLY C 33 -10.67 -4.71 -24.44
C GLY C 33 -9.97 -4.52 -23.11
N TRP C 34 -8.92 -3.68 -23.13
CA TRP C 34 -8.28 -3.19 -21.88
C TRP C 34 -9.23 -2.16 -21.30
N VAL C 35 -9.55 -2.27 -20.01
CA VAL C 35 -10.24 -1.16 -19.32
C VAL C 35 -9.35 -0.73 -18.16
N ALA C 36 -8.79 0.48 -18.25
CA ALA C 36 -7.90 1.04 -17.25
C ALA C 36 -8.48 0.85 -15.83
N SER C 37 -9.68 1.39 -15.61
CA SER C 37 -10.38 1.31 -14.31
C SER C 37 -10.49 -0.15 -13.81
N LYS C 38 -10.34 -1.13 -14.72
CA LYS C 38 -10.52 -2.55 -14.43
C LYS C 38 -9.18 -3.27 -14.18
N GLY C 39 -8.06 -2.64 -14.58
CA GLY C 39 -6.74 -3.22 -14.32
C GLY C 39 -6.62 -4.62 -14.85
N ASN C 40 -7.14 -4.84 -16.06
CA ASN C 40 -7.25 -6.14 -16.72
C ASN C 40 -6.35 -6.27 -17.94
N LEU C 41 -5.39 -5.35 -18.11
CA LEU C 41 -4.54 -5.43 -19.31
C LEU C 41 -4.01 -6.85 -19.47
N ALA C 42 -3.41 -7.39 -18.42
CA ALA C 42 -2.83 -8.75 -18.48
C ALA C 42 -3.86 -9.79 -18.88
N ALA C 43 -5.00 -9.80 -18.15
CA ALA C 43 -6.16 -10.64 -18.52
C ALA C 43 -6.47 -10.63 -20.03
N VAL C 44 -6.54 -9.46 -20.64
CA VAL C 44 -6.95 -9.34 -22.06
C VAL C 44 -5.75 -9.46 -22.97
N ALA C 45 -4.56 -9.20 -22.43
CA ALA C 45 -3.31 -9.12 -23.24
C ALA C 45 -2.13 -9.79 -22.52
N PRO C 46 -2.24 -11.12 -22.35
CA PRO C 46 -1.29 -11.87 -21.55
C PRO C 46 0.15 -11.63 -21.97
N GLY C 47 0.95 -11.17 -21.02
CA GLY C 47 2.41 -10.95 -21.19
C GLY C 47 2.72 -9.65 -21.91
N LYS C 48 1.68 -8.93 -22.28
CA LYS C 48 1.87 -7.66 -22.96
C LYS C 48 1.89 -6.48 -22.00
N SER C 49 2.49 -5.40 -22.46
CA SER C 49 2.67 -4.20 -21.66
C SER C 49 2.33 -3.06 -22.60
N ILE C 50 1.87 -1.93 -22.04
CA ILE C 50 1.54 -0.73 -22.90
C ILE C 50 2.84 -0.02 -23.23
N GLY C 51 3.01 0.33 -24.50
CA GLY C 51 4.20 1.09 -24.87
C GLY C 51 4.03 1.57 -26.27
N GLY C 52 4.80 2.58 -26.64
CA GLY C 52 4.88 3.04 -28.03
C GLY C 52 4.05 4.24 -28.34
N ASP C 53 3.24 4.70 -27.38
CA ASP C 53 2.43 5.91 -27.59
C ASP C 53 3.23 7.15 -27.50
N VAL C 54 2.78 8.23 -28.14
CA VAL C 54 3.47 9.50 -28.00
C VAL C 54 3.38 10.08 -26.58
N PHE C 55 4.46 10.70 -26.12
CA PHE C 55 4.54 11.47 -24.86
C PHE C 55 4.59 12.91 -25.32
N SER C 56 3.54 13.65 -24.99
CA SER C 56 3.37 15.03 -25.42
C SER C 56 4.32 15.95 -24.69
N ASN C 57 4.77 15.58 -23.48
CA ASN C 57 5.81 16.34 -22.75
C ASN C 57 5.26 17.72 -22.31
N ARG C 58 3.99 17.72 -21.93
CA ARG C 58 3.23 18.90 -21.55
C ARG C 58 4.00 19.86 -20.68
N GLU C 59 4.79 19.29 -19.76
CA GLU C 59 5.51 20.08 -18.74
C GLU C 59 6.91 20.42 -19.19
N GLY C 60 7.31 19.86 -20.32
CA GLY C 60 8.61 20.19 -20.88
C GLY C 60 9.71 19.77 -19.96
N ARG C 61 9.51 18.68 -19.21
CA ARG C 61 10.57 18.16 -18.36
C ARG C 61 11.64 17.44 -19.19
N LEU C 62 11.26 16.99 -20.38
CA LEU C 62 12.21 16.44 -21.35
C LEU C 62 12.67 17.39 -22.41
N PRO C 63 13.92 17.21 -22.90
CA PRO C 63 14.54 18.16 -23.85
C PRO C 63 13.82 18.13 -25.17
N SER C 64 13.62 19.30 -25.76
CA SER C 64 12.89 19.39 -27.02
C SER C 64 13.87 19.54 -28.17
N ALA C 65 13.44 19.17 -29.36
CA ALA C 65 14.25 19.31 -30.58
C ALA C 65 13.35 19.25 -31.79
N SER C 66 13.80 19.85 -32.90
CA SER C 66 12.96 19.89 -34.07
C SER C 66 12.73 18.47 -34.62
N GLY C 67 11.47 18.09 -34.74
CA GLY C 67 11.10 16.76 -35.22
C GLY C 67 11.40 15.59 -34.25
N ARG C 68 12.00 15.85 -33.08
CA ARG C 68 12.20 14.79 -32.06
C ARG C 68 10.83 14.48 -31.48
N THR C 69 10.47 13.19 -31.50
CA THR C 69 9.22 12.73 -30.96
C THR C 69 9.54 11.87 -29.73
N TRP C 70 8.74 12.05 -28.67
CA TRP C 70 8.86 11.23 -27.46
C TRP C 70 7.81 10.18 -27.34
N ARG C 71 8.24 9.01 -26.91
CA ARG C 71 7.29 7.92 -26.81
C ARG C 71 7.47 7.30 -25.44
N GLU C 72 6.38 6.69 -24.97
CA GLU C 72 6.31 6.13 -23.63
C GLU C 72 6.37 4.62 -23.62
N ALA C 73 6.76 4.04 -22.47
CA ALA C 73 6.62 2.59 -22.38
C ALA C 73 6.51 2.19 -20.93
N ASP C 74 5.56 1.31 -20.63
CA ASP C 74 5.40 0.74 -19.29
C ASP C 74 6.52 -0.22 -18.90
N ILE C 75 6.96 -0.06 -17.67
CA ILE C 75 8.11 -0.81 -17.17
C ILE C 75 7.64 -1.66 -15.97
N ASN C 76 8.18 -2.89 -15.86
CA ASN C 76 7.91 -3.74 -14.69
C ASN C 76 6.47 -4.22 -14.63
N TYR C 77 5.69 -3.94 -15.68
CA TYR C 77 4.31 -4.41 -15.65
C TYR C 77 4.22 -5.94 -15.86
N VAL C 78 3.48 -6.64 -15.01
CA VAL C 78 3.18 -8.07 -15.22
C VAL C 78 1.66 -8.29 -15.20
N SER C 79 0.97 -7.79 -14.16
CA SER C 79 -0.48 -8.02 -14.01
C SER C 79 -1.21 -6.98 -13.15
N GLY C 80 -2.54 -7.00 -13.16
CA GLY C 80 -3.37 -6.03 -12.43
C GLY C 80 -3.42 -4.66 -13.09
N ALA C 81 -3.59 -3.62 -12.26
CA ALA C 81 -3.57 -2.28 -12.76
C ALA C 81 -2.14 -1.88 -13.08
N ARG C 82 -2.00 -0.97 -14.01
CA ARG C 82 -0.69 -0.42 -14.41
C ARG C 82 -0.09 0.39 -13.28
N ASN C 83 1.21 0.67 -13.37
CA ASN C 83 1.97 1.25 -12.28
C ASN C 83 2.49 2.64 -12.61
N ALA C 84 3.39 3.12 -11.79
CA ALA C 84 3.90 4.44 -12.01
C ALA C 84 5.19 4.47 -12.82
N ASP C 85 5.63 3.32 -13.31
CA ASP C 85 7.01 3.16 -13.85
C ASP C 85 6.94 3.34 -15.34
N ARG C 86 7.80 4.22 -15.89
CA ARG C 86 7.83 4.35 -17.38
C ARG C 86 9.21 4.67 -17.88
N LEU C 87 9.47 4.33 -19.13
CA LEU C 87 10.53 4.96 -19.87
C LEU C 87 9.95 5.98 -20.80
N VAL C 88 10.67 7.06 -21.08
CA VAL C 88 10.32 7.86 -22.25
C VAL C 88 11.60 7.94 -23.07
N TYR C 89 11.45 7.63 -24.37
CA TYR C 89 12.51 7.57 -25.33
C TYR C 89 12.18 8.41 -26.53
N SER C 90 13.25 8.94 -27.11
CA SER C 90 13.15 9.89 -28.19
C SER C 90 13.44 9.23 -29.52
N SER C 91 13.09 9.92 -30.60
CA SER C 91 13.34 9.36 -31.91
C SER C 91 14.83 9.37 -32.22
N ASP C 92 15.60 10.13 -31.43
CA ASP C 92 17.05 10.08 -31.54
C ASP C 92 17.71 9.33 -30.34
N TRP C 93 16.90 8.54 -29.64
CA TRP C 93 17.38 7.46 -28.73
C TRP C 93 17.98 7.96 -27.40
N LEU C 94 17.54 9.12 -26.95
CA LEU C 94 17.68 9.51 -25.52
C LEU C 94 16.61 8.83 -24.68
N ILE C 95 16.96 8.36 -23.47
CA ILE C 95 16.00 7.58 -22.76
C ILE C 95 16.03 7.98 -21.31
N TYR C 96 14.84 8.29 -20.81
CA TYR C 96 14.63 8.73 -19.41
C TYR C 96 13.70 7.71 -18.71
N LYS C 97 13.95 7.47 -17.41
CA LYS C 97 13.03 6.68 -16.61
C LYS C 97 12.32 7.54 -15.57
N THR C 98 11.11 7.13 -15.21
CA THR C 98 10.28 7.78 -14.17
C THR C 98 9.70 6.62 -13.35
N THR C 99 9.69 6.79 -12.03
CA THR C 99 9.04 5.88 -11.09
C THR C 99 7.92 6.61 -10.34
N ASP C 100 7.44 7.74 -10.87
CA ASP C 100 6.36 8.44 -10.19
C ASP C 100 5.44 9.01 -11.27
N HIS C 101 5.34 8.24 -12.34
CA HIS C 101 4.39 8.53 -13.41
C HIS C 101 4.63 9.88 -14.08
N TYR C 102 5.88 10.14 -14.49
CA TYR C 102 6.27 11.37 -15.20
C TYR C 102 6.60 12.61 -14.34
N ALA C 103 6.31 12.52 -13.05
CA ALA C 103 6.53 13.67 -12.18
C ALA C 103 7.97 14.16 -12.26
N THR C 104 8.89 13.22 -12.01
CA THR C 104 10.33 13.37 -12.16
C THR C 104 10.97 12.29 -13.05
N PHE C 105 11.99 12.70 -13.79
CA PHE C 105 12.75 11.83 -14.64
C PHE C 105 14.22 11.79 -14.25
N THR C 106 14.86 10.68 -14.61
CA THR C 106 16.34 10.55 -14.63
C THR C 106 16.73 9.99 -16.01
N ARG C 107 17.64 10.65 -16.72
CA ARG C 107 18.17 10.07 -17.98
C ARG C 107 19.06 8.83 -17.70
N ILE C 108 18.82 7.73 -18.46
CA ILE C 108 19.60 6.51 -18.35
C ILE C 108 20.24 6.03 -19.66
N ARG C 109 19.87 6.58 -20.82
CA ARG C 109 20.61 6.35 -22.09
C ARG C 109 20.59 7.69 -22.84
N ALA D 1 9.78 -5.86 -38.77
CA ALA D 1 11.20 -5.98 -38.35
C ALA D 1 11.47 -7.29 -37.60
N VAL D 2 12.61 -7.93 -37.88
CA VAL D 2 13.02 -9.06 -37.04
C VAL D 2 14.50 -9.01 -36.69
N ILE D 3 14.81 -9.58 -35.53
CA ILE D 3 16.21 -9.84 -35.23
C ILE D 3 16.64 -11.13 -35.90
N ASN D 4 17.49 -11.04 -36.94
CA ASN D 4 17.90 -12.29 -37.67
C ASN D 4 19.29 -12.20 -38.25
N THR D 5 20.07 -11.21 -37.78
CA THR D 5 21.45 -10.99 -38.20
C THR D 5 22.38 -11.69 -37.27
N PHE D 6 23.58 -12.00 -37.73
CA PHE D 6 24.58 -12.63 -36.89
C PHE D 6 24.76 -11.83 -35.64
N ASP D 7 24.86 -10.50 -35.75
CA ASP D 7 25.21 -9.67 -34.57
C ASP D 7 24.06 -9.27 -33.70
N GLY D 8 22.88 -9.16 -34.32
CA GLY D 8 21.66 -8.79 -33.57
C GLY D 8 21.25 -9.96 -32.70
N VAL D 9 21.21 -11.14 -33.27
CA VAL D 9 20.79 -12.38 -32.57
C VAL D 9 21.90 -12.72 -31.53
N ALA D 10 23.14 -12.52 -31.86
CA ALA D 10 24.19 -12.73 -30.84
C ALA D 10 24.03 -11.81 -29.64
N ASP D 11 23.75 -10.51 -29.91
CA ASP D 11 23.61 -9.51 -28.84
C ASP D 11 22.32 -9.81 -28.07
N TYR D 12 21.25 -10.24 -28.73
CA TYR D 12 20.03 -10.63 -27.95
C TYR D 12 20.26 -11.84 -26.97
N LEU D 13 20.87 -12.87 -27.51
CA LEU D 13 21.26 -14.02 -26.75
C LEU D 13 22.13 -13.65 -25.53
N ILE D 14 23.12 -12.80 -25.71
CA ILE D 14 24.03 -12.45 -24.59
C ILE D 14 23.34 -11.56 -23.56
N ARG D 15 22.47 -10.65 -24.05
CA ARG D 15 21.75 -9.71 -23.17
C ARG D 15 20.59 -10.39 -22.46
N TYR D 16 19.84 -11.28 -23.12
CA TYR D 16 18.56 -11.79 -22.54
C TYR D 16 18.56 -13.28 -22.24
N LYS D 17 19.66 -13.95 -22.56
CA LYS D 17 19.85 -15.38 -22.30
C LYS D 17 18.78 -16.25 -22.87
N ARG D 18 18.44 -15.95 -24.14
CA ARG D 18 17.38 -16.66 -24.82
C ARG D 18 17.38 -16.16 -26.23
N LEU D 19 16.75 -16.90 -27.14
CA LEU D 19 16.59 -16.31 -28.49
C LEU D 19 15.43 -15.29 -28.51
N PRO D 20 15.43 -14.33 -29.49
CA PRO D 20 14.25 -13.47 -29.58
C PRO D 20 13.02 -14.22 -30.06
N ASP D 21 11.88 -13.53 -30.02
CA ASP D 21 10.56 -14.16 -30.13
C ASP D 21 10.28 -14.74 -31.53
N ASN D 22 11.13 -14.47 -32.50
CA ASN D 22 10.84 -14.93 -33.88
C ASN D 22 11.34 -16.30 -34.20
N TYR D 23 12.04 -16.91 -33.25
CA TYR D 23 12.52 -18.24 -33.40
C TYR D 23 11.53 -19.31 -32.92
N ILE D 24 11.42 -20.38 -33.69
CA ILE D 24 10.70 -21.61 -33.29
C ILE D 24 11.53 -22.84 -33.60
N THR D 25 11.34 -23.89 -32.81
CA THR D 25 12.15 -25.07 -32.96
C THR D 25 11.71 -25.74 -34.26
N LYS D 26 12.60 -26.55 -34.81
CA LYS D 26 12.19 -27.41 -35.97
C LYS D 26 10.87 -28.19 -35.75
N SER D 27 10.67 -28.72 -34.54
CA SER D 27 9.40 -29.39 -34.13
C SER D 27 8.19 -28.46 -34.18
N GLN D 28 8.34 -27.30 -33.57
CA GLN D 28 7.36 -26.25 -33.70
C GLN D 28 7.08 -25.85 -35.14
N ALA D 29 8.13 -25.73 -35.93
CA ALA D 29 7.91 -25.36 -37.31
C ALA D 29 7.15 -26.47 -38.03
N SER D 30 7.50 -27.72 -37.75
CA SER D 30 6.86 -28.90 -38.40
C SER D 30 5.39 -28.98 -38.10
N ALA D 31 5.01 -28.71 -36.85
CA ALA D 31 3.60 -28.54 -36.42
C ALA D 31 2.80 -27.52 -37.24
N LEU D 32 3.43 -26.42 -37.66
CA LEU D 32 2.79 -25.40 -38.45
C LEU D 32 2.65 -25.77 -39.93
N GLY D 33 3.32 -26.84 -40.35
CA GLY D 33 3.26 -27.31 -41.74
C GLY D 33 4.57 -27.23 -42.50
N TRP D 34 5.66 -26.93 -41.77
CA TRP D 34 6.98 -26.83 -42.43
C TRP D 34 7.37 -28.24 -42.84
N VAL D 35 7.77 -28.42 -44.10
CA VAL D 35 8.60 -29.56 -44.54
C VAL D 35 9.72 -28.97 -45.39
N ALA D 36 10.94 -29.34 -45.04
CA ALA D 36 12.18 -28.80 -45.60
C ALA D 36 12.16 -28.67 -47.14
N SER D 37 11.60 -29.68 -47.78
CA SER D 37 11.64 -29.82 -49.26
C SER D 37 10.82 -28.77 -50.00
N LYS D 38 9.73 -28.30 -49.36
CA LYS D 38 8.88 -27.31 -50.01
C LYS D 38 9.58 -25.94 -49.88
N GLY D 39 10.47 -25.82 -48.90
CA GLY D 39 11.10 -24.53 -48.55
C GLY D 39 10.02 -23.58 -48.12
N ASN D 40 9.12 -24.07 -47.29
CA ASN D 40 7.87 -23.36 -47.05
C ASN D 40 7.79 -22.53 -45.76
N LEU D 41 8.89 -22.40 -45.03
CA LEU D 41 8.81 -21.83 -43.63
C LEU D 41 8.11 -20.45 -43.53
N ALA D 42 8.43 -19.52 -44.42
CA ALA D 42 7.71 -18.22 -44.44
C ALA D 42 6.18 -18.27 -44.68
N ALA D 43 5.65 -19.34 -45.29
CA ALA D 43 4.17 -19.45 -45.49
C ALA D 43 3.41 -20.12 -44.34
N VAL D 44 4.08 -20.97 -43.57
CA VAL D 44 3.42 -21.64 -42.45
C VAL D 44 3.68 -20.95 -41.12
N ALA D 45 4.74 -20.14 -41.09
CA ALA D 45 5.13 -19.38 -39.90
C ALA D 45 5.79 -18.09 -40.39
N PRO D 46 4.94 -17.10 -40.73
CA PRO D 46 5.44 -15.88 -41.38
C PRO D 46 6.26 -15.12 -40.34
N GLY D 47 7.36 -14.54 -40.78
CA GLY D 47 8.21 -13.74 -39.86
C GLY D 47 8.93 -14.58 -38.82
N LYS D 48 9.01 -15.88 -39.04
CA LYS D 48 9.75 -16.77 -38.13
C LYS D 48 11.06 -17.36 -38.69
N SER D 49 12.00 -17.65 -37.80
CA SER D 49 13.16 -18.46 -38.13
C SER D 49 13.32 -19.69 -37.20
N ILE D 50 13.97 -20.73 -37.75
CA ILE D 50 14.27 -22.00 -37.00
C ILE D 50 15.41 -21.72 -36.05
N GLY D 51 15.15 -21.94 -34.76
CA GLY D 51 16.24 -21.84 -33.79
C GLY D 51 15.86 -22.33 -32.43
N GLY D 52 16.87 -22.72 -31.69
CA GLY D 52 16.68 -23.27 -30.33
C GLY D 52 17.00 -24.73 -30.21
N ASP D 53 17.11 -25.44 -31.32
CA ASP D 53 17.45 -26.86 -31.19
C ASP D 53 18.86 -27.19 -30.79
N VAL D 54 19.00 -28.27 -30.03
CA VAL D 54 20.28 -28.77 -29.61
C VAL D 54 21.22 -29.01 -30.80
N PHE D 55 22.45 -28.47 -30.73
CA PHE D 55 23.44 -28.74 -31.79
C PHE D 55 24.34 -29.83 -31.21
N SER D 56 24.44 -31.01 -31.86
CA SER D 56 25.11 -32.12 -31.18
C SER D 56 26.64 -32.06 -31.17
N ASN D 57 27.26 -31.19 -31.99
CA ASN D 57 28.72 -30.97 -32.03
C ASN D 57 29.54 -32.25 -32.34
N ARG D 58 29.21 -32.95 -33.43
CA ARG D 58 29.78 -34.26 -33.69
C ARG D 58 31.21 -34.14 -34.15
N GLU D 59 31.50 -33.13 -34.97
CA GLU D 59 32.81 -33.05 -35.55
C GLU D 59 33.80 -32.46 -34.62
N GLY D 60 33.38 -32.27 -33.37
CA GLY D 60 34.23 -31.67 -32.37
C GLY D 60 34.71 -30.25 -32.65
N ARG D 61 34.11 -29.55 -33.62
CA ARG D 61 34.70 -28.22 -33.99
C ARG D 61 34.49 -27.14 -32.95
N LEU D 62 33.41 -27.24 -32.17
CA LEU D 62 33.17 -26.37 -31.03
C LEU D 62 33.56 -27.03 -29.73
N PRO D 63 33.99 -26.22 -28.76
CA PRO D 63 34.52 -26.72 -27.49
C PRO D 63 33.48 -27.37 -26.58
N SER D 64 33.79 -28.59 -26.15
CA SER D 64 32.87 -29.31 -25.29
C SER D 64 33.27 -29.08 -23.87
N ALA D 65 32.29 -29.07 -22.98
CA ALA D 65 32.56 -29.13 -21.54
C ALA D 65 31.34 -29.76 -20.90
N SER D 66 31.56 -30.33 -19.72
CA SER D 66 30.49 -31.03 -18.99
C SER D 66 29.22 -30.18 -18.75
N GLY D 67 28.05 -30.66 -19.18
CA GLY D 67 26.78 -29.91 -18.88
C GLY D 67 26.70 -28.58 -19.67
N ARG D 68 27.58 -28.44 -20.66
CA ARG D 68 27.46 -27.38 -21.68
C ARG D 68 26.64 -27.96 -22.80
N THR D 69 25.51 -27.37 -23.11
CA THR D 69 24.85 -27.77 -24.33
C THR D 69 24.85 -26.58 -25.31
N TRP D 70 25.09 -26.94 -26.54
CA TRP D 70 25.06 -26.04 -27.70
C TRP D 70 23.76 -26.18 -28.36
N ARG D 71 23.24 -25.08 -28.86
CA ARG D 71 22.05 -25.07 -29.69
C ARG D 71 22.31 -24.13 -30.85
N GLU D 72 21.37 -24.13 -31.79
CA GLU D 72 21.56 -23.50 -33.06
C GLU D 72 20.39 -22.56 -33.49
N ALA D 73 20.68 -21.54 -34.29
CA ALA D 73 19.62 -20.67 -34.82
C ALA D 73 19.98 -20.31 -36.25
N ASP D 74 19.01 -20.42 -37.13
CA ASP D 74 19.19 -19.80 -38.44
C ASP D 74 19.37 -18.31 -38.39
N ILE D 75 20.19 -17.83 -39.33
CA ILE D 75 20.57 -16.42 -39.45
C ILE D 75 20.25 -15.93 -40.87
N ASN D 76 19.87 -14.65 -40.97
CA ASN D 76 19.54 -14.03 -42.26
C ASN D 76 18.37 -14.70 -43.00
N TYR D 77 17.51 -15.41 -42.27
CA TYR D 77 16.40 -16.07 -42.97
C TYR D 77 15.24 -15.10 -43.22
N VAL D 78 14.70 -15.11 -44.44
CA VAL D 78 13.49 -14.31 -44.78
C VAL D 78 12.35 -15.22 -45.27
N SER D 79 12.60 -15.89 -46.37
CA SER D 79 11.54 -16.70 -46.98
C SER D 79 12.15 -17.79 -47.79
N GLY D 80 11.37 -18.85 -48.01
CA GLY D 80 11.72 -19.89 -48.99
C GLY D 80 12.70 -20.82 -48.33
N ALA D 81 13.37 -21.64 -49.15
CA ALA D 81 14.48 -22.47 -48.69
C ALA D 81 15.36 -21.79 -47.63
N ARG D 82 15.68 -22.54 -46.59
CA ARG D 82 16.66 -22.10 -45.60
C ARG D 82 18.06 -22.05 -46.19
N ASN D 83 18.88 -21.15 -45.65
CA ASN D 83 20.21 -20.85 -46.11
C ASN D 83 21.29 -21.61 -45.30
N ALA D 84 22.56 -21.28 -45.48
CA ALA D 84 23.63 -21.94 -44.70
C ALA D 84 24.11 -21.15 -43.45
N ASP D 85 23.34 -20.15 -43.06
CA ASP D 85 23.82 -19.20 -42.04
C ASP D 85 23.23 -19.61 -40.70
N ARG D 86 24.09 -19.73 -39.68
CA ARG D 86 23.64 -20.17 -38.35
C ARG D 86 24.51 -19.55 -37.28
N LEU D 87 23.92 -19.32 -36.11
CA LEU D 87 24.68 -19.17 -34.90
C LEU D 87 24.55 -20.48 -34.14
N VAL D 88 25.62 -20.85 -33.43
CA VAL D 88 25.59 -21.91 -32.41
C VAL D 88 26.06 -21.24 -31.09
N TYR D 89 25.22 -21.35 -30.07
CA TYR D 89 25.41 -20.70 -28.81
C TYR D 89 25.25 -21.79 -27.75
N SER D 90 26.11 -21.66 -26.76
CA SER D 90 26.11 -22.59 -25.62
C SER D 90 25.40 -22.01 -24.42
N SER D 91 25.19 -22.88 -23.42
CA SER D 91 24.45 -22.52 -22.21
C SER D 91 25.22 -21.57 -21.29
N ASP D 92 26.48 -21.33 -21.63
CA ASP D 92 27.31 -20.37 -20.92
C ASP D 92 27.80 -19.25 -21.86
N TRP D 93 27.08 -19.11 -22.97
CA TRP D 93 27.06 -17.86 -23.77
C TRP D 93 28.26 -17.63 -24.64
N LEU D 94 28.92 -18.73 -24.98
CA LEU D 94 29.77 -18.75 -26.19
C LEU D 94 28.89 -18.81 -27.44
N ILE D 95 29.31 -18.11 -28.50
CA ILE D 95 28.49 -18.01 -29.67
C ILE D 95 29.46 -18.04 -30.84
N TYR D 96 29.30 -19.01 -31.70
CA TYR D 96 30.09 -19.00 -32.95
C TYR D 96 29.08 -18.81 -34.05
N LYS D 97 29.53 -18.30 -35.20
CA LYS D 97 28.74 -18.28 -36.40
C LYS D 97 29.28 -19.25 -37.44
N THR D 98 28.44 -19.52 -38.43
CA THR D 98 28.93 -20.29 -39.60
C THR D 98 28.10 -19.76 -40.75
N THR D 99 28.74 -19.60 -41.89
CA THR D 99 28.06 -19.18 -43.08
C THR D 99 27.99 -20.36 -44.00
N ASP D 100 28.46 -21.54 -43.51
CA ASP D 100 28.63 -22.74 -44.34
C ASP D 100 28.04 -24.03 -43.73
N HIS D 101 26.88 -23.93 -43.11
CA HIS D 101 26.19 -25.09 -42.58
C HIS D 101 27.19 -25.91 -41.79
N TYR D 102 27.87 -25.27 -40.84
CA TYR D 102 28.70 -25.96 -39.81
C TYR D 102 29.93 -26.73 -40.28
N ALA D 103 30.41 -26.48 -41.49
CA ALA D 103 31.70 -26.98 -41.90
C ALA D 103 32.85 -26.27 -41.21
N THR D 104 32.67 -24.98 -40.95
CA THR D 104 33.56 -24.17 -40.16
C THR D 104 32.82 -23.08 -39.38
N PHE D 105 33.56 -22.50 -38.44
CA PHE D 105 33.06 -21.52 -37.48
C PHE D 105 34.06 -20.41 -37.20
N THR D 106 33.49 -19.27 -36.77
CA THR D 106 34.24 -18.12 -36.20
C THR D 106 33.53 -17.86 -34.86
N ARG D 107 34.31 -17.64 -33.81
CA ARG D 107 33.70 -17.25 -32.54
C ARG D 107 33.44 -15.78 -32.57
N ILE D 108 32.23 -15.36 -32.16
CA ILE D 108 31.92 -13.94 -32.18
C ILE D 108 31.59 -13.44 -30.81
N ARG D 109 31.24 -14.30 -29.86
CA ARG D 109 30.99 -13.82 -28.49
C ARG D 109 31.58 -14.84 -27.55
#